data_5TA8
#
_entry.id   5TA8
#
_cell.length_a   67.364
_cell.length_b   67.364
_cell.length_c   151.918
_cell.angle_alpha   90.000
_cell.angle_beta   90.000
_cell.angle_gamma   120.000
#
_symmetry.space_group_name_H-M   'P 32 2 1'
#
loop_
_entity.id
_entity.type
_entity.pdbx_description
1 polymer 'Serine/threonine-protein kinase PLK1'
2 non-polymer 'ZINC ION'
3 non-polymer 4-[(9-cyclopentyl-7,7-difluoro-5-methyl-6-oxo-6,7,8,9-tetrahydro-5H-pyrimido[4,5-b][1,4]diazepin-2-yl)amino]-3-methoxy-N-(1-methylpiperidin-4-yl)benzamide
4 water water
#
_entity_poly.entity_id   1
_entity_poly.type   'polypeptide(L)'
_entity_poly.pdbx_seq_one_letter_code
;MSYYHHHHHHDYDIPTTENLYFQGAAPADPGKAGVPGVAAPGAPAAAPPAKEIPEVLVDPRSRRRYVRGRFLGKGGFAKC
FEISDADTKEVFAGKIVPKSLLLKPHQREKMSMEISIHRSLAHQHVVGFHGFFEDNDFVFVVLELCRRRSLLELHKRRKA
LTEPEARYYLRQIVLGCQYLHRNRVIHRDLKLGNLFLNEDLEVKIGDFGLATKVEYDGERKKVLCGTPNYIAPEVLSKKG
HSFEVDVWSIGCIMYTLLVGKPPFETSCLKETYLRIKKNEYSIPKHINPVAASLIQKMLQTDPTARPTINELLNDEFFTS
GYIPARLPITCLTIPPRFSIAPSSLDPSNRKPLTVLNK
;
_entity_poly.pdbx_strand_id   A
#
loop_
_chem_comp.id
_chem_comp.type
_chem_comp.name
_chem_comp.formula
79C non-polymer 4-[(9-cyclopentyl-7,7-difluoro-5-methyl-6-oxo-6,7,8,9-tetrahydro-5H-pyrimido[4,5-b][1,4]diazepin-2-yl)amino]-3-methoxy-N-(1-methylpiperidin-4-yl)benzamide 'C27 H35 F2 N7 O3'
ZN non-polymer 'ZINC ION' 'Zn 2'
#
# COMPACT_ATOMS: atom_id res chain seq x y z
N ALA A 50 30.17 14.92 6.15
CA ALA A 50 28.80 15.44 5.88
C ALA A 50 27.87 14.41 5.21
N LYS A 51 28.36 13.79 4.11
CA LYS A 51 27.76 12.61 3.45
C LYS A 51 26.47 12.79 2.62
N GLU A 52 26.56 13.58 1.55
CA GLU A 52 25.41 13.85 0.70
C GLU A 52 25.24 12.79 -0.40
N ILE A 53 24.12 12.89 -1.14
CA ILE A 53 23.73 11.90 -2.14
C ILE A 53 24.22 12.30 -3.54
N PRO A 54 24.79 11.34 -4.31
CA PRO A 54 25.34 11.63 -5.65
C PRO A 54 24.32 12.27 -6.61
N GLU A 55 24.81 13.16 -7.47
CA GLU A 55 23.98 13.79 -8.50
C GLU A 55 23.66 12.81 -9.62
N VAL A 56 24.61 11.92 -9.90
CA VAL A 56 24.39 10.79 -10.80
C VAL A 56 24.55 9.48 -10.04
N LEU A 57 23.57 8.60 -10.18
CA LEU A 57 23.55 7.33 -9.48
C LEU A 57 23.92 6.21 -10.44
N VAL A 58 25.17 5.75 -10.34
CA VAL A 58 25.67 4.76 -11.27
C VAL A 58 25.63 3.33 -10.71
N ASP A 59 24.99 2.45 -11.47
CA ASP A 59 24.93 1.03 -11.17
C ASP A 59 26.05 0.32 -11.94
N PRO A 60 27.15 -0.03 -11.26
CA PRO A 60 28.32 -0.59 -11.95
C PRO A 60 28.06 -1.98 -12.55
N ARG A 61 27.03 -2.65 -12.04
CA ARG A 61 26.66 -4.02 -12.46
C ARG A 61 26.07 -4.05 -13.87
N SER A 62 25.10 -3.19 -14.13
CA SER A 62 24.39 -3.17 -15.39
C SER A 62 24.82 -1.98 -16.25
N ARG A 63 25.70 -1.15 -15.70
CA ARG A 63 26.25 0.03 -16.39
C ARG A 63 25.15 1.03 -16.73
N ARG A 64 24.06 0.97 -15.99
CA ARG A 64 22.99 1.96 -16.08
C ARG A 64 23.35 3.12 -15.18
N ARG A 65 23.10 4.34 -15.66
CA ARG A 65 23.40 5.56 -14.91
C ARG A 65 22.11 6.36 -14.75
N TYR A 66 21.88 6.91 -13.55
CA TYR A 66 20.64 7.64 -13.28
C TYR A 66 20.90 9.06 -12.83
N VAL A 67 20.11 9.99 -13.34
CA VAL A 67 20.29 11.39 -13.00
C VAL A 67 19.27 11.76 -11.94
N ARG A 68 19.77 12.10 -10.75
CA ARG A 68 18.93 12.51 -9.64
C ARG A 68 18.10 13.76 -9.99
N GLY A 69 16.78 13.56 -10.15
CA GLY A 69 15.84 14.65 -10.49
C GLY A 69 15.15 15.20 -9.26
N ARG A 70 13.92 15.70 -9.44
CA ARG A 70 13.16 16.37 -8.36
C ARG A 70 12.99 15.51 -7.09
N PHE A 71 13.10 16.15 -5.93
CA PHE A 71 12.88 15.48 -4.64
C PHE A 71 11.39 15.24 -4.39
N LEU A 72 11.00 13.98 -4.19
CA LEU A 72 9.58 13.60 -4.00
C LEU A 72 9.14 13.48 -2.54
N GLY A 73 10.10 13.27 -1.63
CA GLY A 73 9.78 13.17 -0.22
C GLY A 73 10.59 12.13 0.53
N LYS A 74 10.32 12.03 1.81
CA LYS A 74 11.03 11.11 2.68
C LYS A 74 10.10 9.96 3.06
N GLY A 75 10.27 8.83 2.37
CA GLY A 75 9.50 7.61 2.64
C GLY A 75 10.14 6.75 3.71
N GLY A 76 10.08 7.23 4.95
CA GLY A 76 10.61 6.49 6.11
C GLY A 76 12.07 6.79 6.35
N PHE A 77 12.89 5.74 6.33
CA PHE A 77 14.34 5.85 6.48
C PHE A 77 14.98 6.40 5.20
N ALA A 78 14.20 6.49 4.13
CA ALA A 78 14.70 6.83 2.79
C ALA A 78 14.34 8.23 2.33
N LYS A 79 15.14 8.77 1.41
CA LYS A 79 14.79 9.97 0.66
C LYS A 79 14.54 9.55 -0.79
N CYS A 80 13.47 10.08 -1.38
CA CYS A 80 13.00 9.66 -2.69
C CYS A 80 13.03 10.78 -3.72
N PHE A 81 13.52 10.44 -4.92
CA PHE A 81 13.77 11.43 -5.98
C PHE A 81 13.27 10.92 -7.33
N GLU A 82 12.80 11.84 -8.18
CA GLU A 82 12.63 11.56 -9.61
C GLU A 82 14.02 11.25 -10.17
N ILE A 83 14.19 10.08 -10.78
CA ILE A 83 15.50 9.75 -11.37
C ILE A 83 15.32 9.25 -12.78
N SER A 84 16.18 9.71 -13.68
CA SER A 84 16.09 9.29 -15.08
C SER A 84 17.34 8.54 -15.50
N ASP A 85 17.12 7.40 -16.16
CA ASP A 85 18.17 6.67 -16.86
C ASP A 85 18.69 7.57 -17.99
N ALA A 86 19.98 7.85 -17.95
CA ALA A 86 20.62 8.77 -18.90
C ALA A 86 20.71 8.21 -20.33
N ASP A 87 20.39 6.92 -20.50
CA ASP A 87 20.45 6.28 -21.81
C ASP A 87 19.07 6.25 -22.48
N THR A 88 18.11 5.56 -21.85
CA THR A 88 16.76 5.46 -22.39
C THR A 88 15.96 6.73 -22.07
N LYS A 89 16.50 7.56 -21.19
CA LYS A 89 15.85 8.80 -20.74
C LYS A 89 14.62 8.50 -19.88
N GLU A 90 14.39 7.22 -19.63
CA GLU A 90 13.21 6.75 -18.93
C GLU A 90 13.26 7.16 -17.46
N VAL A 91 12.13 7.63 -16.95
CA VAL A 91 12.01 8.20 -15.59
C VAL A 91 11.43 7.24 -14.54
N PHE A 92 12.05 7.21 -13.37
CA PHE A 92 11.70 6.32 -12.26
C PHE A 92 11.66 7.06 -10.94
N ALA A 93 11.13 6.39 -9.92
CA ALA A 93 11.26 6.85 -8.54
C ALA A 93 12.46 6.16 -7.88
N GLY A 94 13.34 6.98 -7.30
CA GLY A 94 14.52 6.47 -6.61
C GLY A 94 14.38 6.46 -5.09
N LYS A 95 14.37 5.28 -4.50
CA LYS A 95 14.37 5.16 -3.05
C LYS A 95 15.81 5.06 -2.61
N ILE A 96 16.32 6.15 -2.04
CA ILE A 96 17.70 6.20 -1.59
C ILE A 96 17.77 6.17 -0.07
N VAL A 97 18.31 5.08 0.45
CA VAL A 97 18.47 4.94 1.89
C VAL A 97 19.96 4.88 2.25
N PRO A 98 20.39 5.79 3.14
CA PRO A 98 21.77 5.83 3.61
C PRO A 98 22.11 4.68 4.57
N LYS A 99 23.29 4.12 4.37
CA LYS A 99 23.75 2.98 5.17
C LYS A 99 24.02 3.33 6.61
N SER A 100 24.23 4.61 6.89
CA SER A 100 24.42 5.10 8.26
C SER A 100 23.22 4.77 9.14
N LEU A 101 22.07 4.61 8.50
CA LEU A 101 20.83 4.33 9.22
C LEU A 101 20.54 2.84 9.19
N LEU A 102 21.47 2.09 8.61
CA LEU A 102 21.37 0.65 8.42
C LEU A 102 22.50 -0.08 9.15
N LEU A 103 23.09 0.60 10.13
CA LEU A 103 24.24 0.08 10.88
C LEU A 103 23.99 -1.26 11.55
N LYS A 104 22.78 -1.44 12.08
CA LYS A 104 22.40 -2.67 12.76
C LYS A 104 21.99 -3.71 11.74
N PRO A 105 22.51 -4.95 11.87
CA PRO A 105 22.12 -6.06 11.00
C PRO A 105 20.61 -6.23 10.92
N HIS A 106 19.92 -5.86 12.00
CA HIS A 106 18.47 -5.91 12.07
C HIS A 106 17.82 -4.97 11.04
N GLN A 107 18.08 -3.67 11.18
CA GLN A 107 17.62 -2.67 10.23
C GLN A 107 18.02 -3.08 8.83
N ARG A 108 19.14 -3.78 8.73
CA ARG A 108 19.73 -4.15 7.45
C ARG A 108 18.98 -5.31 6.77
N GLU A 109 18.60 -6.33 7.54
CA GLU A 109 17.89 -7.49 7.00
C GLU A 109 16.52 -7.11 6.45
N LYS A 110 15.86 -6.17 7.13
CA LYS A 110 14.56 -5.64 6.70
C LYS A 110 14.67 -4.98 5.34
N MET A 111 15.75 -4.25 5.12
CA MET A 111 16.00 -3.65 3.83
C MET A 111 16.18 -4.73 2.75
N SER A 112 16.97 -5.75 3.06
CA SER A 112 17.22 -6.85 2.15
C SER A 112 15.96 -7.62 1.84
N MET A 113 15.10 -7.79 2.85
CA MET A 113 13.83 -8.48 2.68
C MET A 113 12.88 -7.69 1.79
N GLU A 114 12.81 -6.38 2.02
CA GLU A 114 11.99 -5.52 1.19
C GLU A 114 12.41 -5.72 -0.26
N ILE A 115 13.71 -5.72 -0.51
CA ILE A 115 14.23 -5.89 -1.88
C ILE A 115 13.92 -7.28 -2.42
N SER A 116 14.30 -8.30 -1.65
CA SER A 116 14.13 -9.69 -2.03
C SER A 116 12.68 -10.00 -2.43
N ILE A 117 11.74 -9.44 -1.67
CA ILE A 117 10.34 -9.67 -1.94
C ILE A 117 9.92 -8.87 -3.17
N HIS A 118 10.13 -7.56 -3.12
CA HIS A 118 9.65 -6.68 -4.17
C HIS A 118 10.16 -7.06 -5.56
N ARG A 119 11.42 -7.47 -5.65
CA ARG A 119 12.02 -7.82 -6.93
C ARG A 119 11.32 -9.01 -7.57
N SER A 120 10.81 -9.91 -6.74
CA SER A 120 10.19 -11.13 -7.25
C SER A 120 8.81 -10.85 -7.85
N LEU A 121 8.21 -9.73 -7.48
CA LEU A 121 6.85 -9.40 -7.90
C LEU A 121 6.78 -8.55 -9.16
N ALA A 122 5.71 -8.77 -9.94
CA ALA A 122 5.33 -7.95 -11.08
C ALA A 122 3.85 -8.23 -11.43
N HIS A 123 3.05 -7.19 -11.29
CA HIS A 123 1.61 -7.25 -11.51
C HIS A 123 1.15 -5.85 -11.84
N GLN A 124 0.00 -5.76 -12.51
CA GLN A 124 -0.56 -4.48 -12.90
C GLN A 124 -0.83 -3.56 -11.70
N HIS A 125 -1.03 -4.15 -10.52
CA HIS A 125 -1.40 -3.37 -9.36
C HIS A 125 -0.37 -3.39 -8.24
N VAL A 126 0.85 -3.76 -8.61
CA VAL A 126 1.98 -3.70 -7.72
C VAL A 126 3.00 -2.73 -8.30
N VAL A 127 3.64 -1.95 -7.44
CA VAL A 127 4.64 -0.99 -7.87
C VAL A 127 5.78 -1.67 -8.63
N GLY A 128 6.00 -1.22 -9.86
CA GLY A 128 7.09 -1.76 -10.68
C GLY A 128 8.43 -1.62 -9.98
N PHE A 129 9.09 -2.75 -9.80
CA PHE A 129 10.44 -2.80 -9.23
C PHE A 129 11.39 -2.97 -10.40
N HIS A 130 12.25 -1.99 -10.63
CA HIS A 130 13.08 -2.00 -11.82
C HIS A 130 14.55 -2.21 -11.56
N GLY A 131 14.96 -2.18 -10.30
CA GLY A 131 16.35 -2.50 -9.95
C GLY A 131 16.79 -1.97 -8.60
N PHE A 132 18.02 -2.32 -8.23
CA PHE A 132 18.62 -1.87 -6.98
C PHE A 132 20.13 -1.95 -7.06
N PHE A 133 20.80 -1.11 -6.27
CA PHE A 133 22.26 -1.14 -6.16
C PHE A 133 22.76 -0.28 -5.02
N GLU A 134 24.06 -0.34 -4.76
CA GLU A 134 24.64 0.37 -3.63
C GLU A 134 26.05 0.88 -3.96
N ASP A 135 26.44 1.99 -3.34
CA ASP A 135 27.84 2.35 -3.20
C ASP A 135 28.18 2.20 -1.72
N ASN A 136 29.26 2.80 -1.25
CA ASN A 136 29.63 2.63 0.15
C ASN A 136 28.66 3.26 1.15
N ASP A 137 27.96 4.32 0.74
CA ASP A 137 27.19 5.14 1.68
C ASP A 137 25.67 5.01 1.60
N PHE A 138 25.17 4.57 0.44
CA PHE A 138 23.74 4.51 0.18
C PHE A 138 23.29 3.23 -0.51
N VAL A 139 22.00 2.95 -0.34
CA VAL A 139 21.32 1.89 -1.07
C VAL A 139 20.33 2.60 -1.99
N PHE A 140 20.35 2.21 -3.26
CA PHE A 140 19.49 2.78 -4.28
C PHE A 140 18.55 1.71 -4.79
N VAL A 141 17.26 2.06 -4.81
CA VAL A 141 16.22 1.19 -5.35
C VAL A 141 15.44 1.94 -6.41
N VAL A 142 15.41 1.36 -7.61
CA VAL A 142 14.77 1.99 -8.77
C VAL A 142 13.36 1.42 -8.94
N LEU A 143 12.37 2.27 -8.70
CA LEU A 143 10.98 1.85 -8.66
C LEU A 143 10.15 2.59 -9.69
N GLU A 144 8.94 2.08 -9.94
CA GLU A 144 7.99 2.71 -10.83
C GLU A 144 7.59 4.07 -10.28
N LEU A 145 7.76 5.10 -11.08
CA LEU A 145 7.31 6.43 -10.69
C LEU A 145 5.80 6.50 -10.76
N CYS A 146 5.17 6.66 -9.59
CA CYS A 146 3.72 6.78 -9.50
C CYS A 146 3.30 8.24 -9.40
N ARG A 147 3.00 8.81 -10.57
CA ARG A 147 3.01 10.25 -10.74
C ARG A 147 1.88 10.94 -10.02
N ARG A 148 0.79 10.22 -9.78
CA ARG A 148 -0.36 10.76 -9.09
C ARG A 148 -0.36 10.43 -7.61
N ARG A 149 0.85 10.15 -7.09
CA ARG A 149 1.12 10.00 -5.65
C ARG A 149 0.41 8.78 -5.02
N SER A 150 -0.48 9.01 -4.07
CA SER A 150 -1.15 7.90 -3.37
C SER A 150 -2.54 8.25 -2.91
N LEU A 151 -3.28 7.21 -2.58
CA LEU A 151 -4.61 7.38 -2.01
C LEU A 151 -4.61 8.25 -0.74
N LEU A 152 -3.47 8.38 -0.08
CA LEU A 152 -3.39 9.23 1.09
C LEU A 152 -3.60 10.70 0.71
N GLU A 153 -2.88 11.16 -0.30
CA GLU A 153 -2.97 12.53 -0.78
C GLU A 153 -4.36 12.80 -1.33
N LEU A 154 -4.90 11.82 -2.04
CA LEU A 154 -6.24 11.90 -2.57
C LEU A 154 -7.26 11.98 -1.44
N HIS A 155 -7.06 11.18 -0.39
CA HIS A 155 -7.92 11.20 0.77
C HIS A 155 -7.89 12.56 1.45
N LYS A 156 -6.70 13.15 1.54
CA LYS A 156 -6.57 14.43 2.21
C LYS A 156 -7.18 15.61 1.43
N ARG A 157 -7.34 15.46 0.12
CA ARG A 157 -7.98 16.48 -0.72
C ARG A 157 -9.48 16.30 -0.75
N ARG A 158 -9.92 15.05 -0.81
CA ARG A 158 -11.32 14.70 -1.06
C ARG A 158 -12.08 14.26 0.18
N LYS A 159 -11.37 13.69 1.15
CA LYS A 159 -11.96 12.99 2.29
C LYS A 159 -12.80 11.80 1.77
N ALA A 160 -14.03 11.65 2.25
CA ALA A 160 -14.93 10.59 1.78
C ALA A 160 -15.10 10.59 0.27
N LEU A 161 -15.10 9.40 -0.33
CA LEU A 161 -15.25 9.25 -1.78
C LEU A 161 -16.66 8.80 -2.15
N THR A 162 -17.03 8.97 -3.42
CA THR A 162 -18.29 8.41 -3.93
C THR A 162 -18.13 6.89 -4.04
N GLU A 163 -19.24 6.16 -3.91
CA GLU A 163 -19.19 4.70 -3.87
C GLU A 163 -18.49 4.04 -5.08
N PRO A 164 -18.78 4.52 -6.31
CA PRO A 164 -18.10 3.91 -7.46
C PRO A 164 -16.59 4.12 -7.45
N GLU A 165 -16.12 5.29 -7.03
CA GLU A 165 -14.67 5.54 -6.88
C GLU A 165 -14.04 4.50 -5.98
N ALA A 166 -14.67 4.29 -4.82
CA ALA A 166 -14.24 3.32 -3.85
C ALA A 166 -14.18 1.95 -4.51
N ARG A 167 -15.36 1.46 -4.92
CA ARG A 167 -15.47 0.23 -5.66
C ARG A 167 -14.30 0.10 -6.65
N TYR A 168 -14.11 1.15 -7.47
CA TYR A 168 -13.01 1.22 -8.46
C TYR A 168 -11.67 0.94 -7.84
N TYR A 169 -11.36 1.66 -6.77
CA TYR A 169 -10.06 1.53 -6.15
C TYR A 169 -9.89 0.21 -5.47
N LEU A 170 -10.83 -0.08 -4.56
CA LEU A 170 -10.86 -1.33 -3.82
C LEU A 170 -10.67 -2.53 -4.71
N ARG A 171 -11.36 -2.57 -5.83
CA ARG A 171 -11.17 -3.66 -6.78
C ARG A 171 -9.70 -3.86 -7.12
N GLN A 172 -9.02 -2.75 -7.43
CA GLN A 172 -7.63 -2.78 -7.84
C GLN A 172 -6.73 -3.19 -6.68
N ILE A 173 -7.00 -2.61 -5.52
CA ILE A 173 -6.30 -3.02 -4.31
C ILE A 173 -6.44 -4.54 -4.17
N VAL A 174 -7.67 -5.03 -4.22
CA VAL A 174 -7.89 -6.44 -3.98
C VAL A 174 -7.14 -7.32 -4.97
N LEU A 175 -7.17 -6.92 -6.24
CA LEU A 175 -6.48 -7.66 -7.28
C LEU A 175 -4.97 -7.77 -7.05
N GLY A 176 -4.31 -6.65 -6.80
CA GLY A 176 -2.88 -6.68 -6.52
C GLY A 176 -2.59 -7.62 -5.37
N CYS A 177 -3.38 -7.46 -4.31
CA CYS A 177 -3.29 -8.26 -3.11
C CYS A 177 -3.50 -9.75 -3.37
N GLN A 178 -4.43 -10.06 -4.25
CA GLN A 178 -4.61 -11.42 -4.74
C GLN A 178 -3.31 -11.94 -5.30
N TYR A 179 -2.68 -11.14 -6.17
CA TYR A 179 -1.40 -11.52 -6.76
C TYR A 179 -0.40 -11.81 -5.64
N LEU A 180 -0.39 -10.97 -4.60
CA LEU A 180 0.54 -11.16 -3.48
C LEU A 180 0.31 -12.48 -2.78
N HIS A 181 -0.93 -12.69 -2.38
CA HIS A 181 -1.30 -13.87 -1.63
C HIS A 181 -1.04 -15.15 -2.42
N ARG A 182 -1.34 -15.11 -3.72
CA ARG A 182 -1.00 -16.20 -4.65
C ARG A 182 0.50 -16.54 -4.63
N ASN A 183 1.32 -15.56 -4.29
CA ASN A 183 2.76 -15.73 -4.25
C ASN A 183 3.27 -15.87 -2.82
N ARG A 184 2.34 -16.19 -1.92
CA ARG A 184 2.63 -16.41 -0.49
C ARG A 184 3.26 -15.18 0.17
N VAL A 185 2.91 -14.00 -0.30
CA VAL A 185 3.41 -12.76 0.27
C VAL A 185 2.31 -12.05 1.04
N ILE A 186 2.59 -11.70 2.30
CA ILE A 186 1.71 -10.81 3.05
C ILE A 186 2.36 -9.44 3.10
N HIS A 187 1.64 -8.42 2.66
CA HIS A 187 2.14 -7.05 2.70
C HIS A 187 2.32 -6.56 4.11
N ARG A 188 1.28 -6.76 4.92
CA ARG A 188 1.26 -6.44 6.35
C ARG A 188 1.20 -4.96 6.69
N ASP A 189 1.42 -4.10 5.70
CA ASP A 189 1.28 -2.67 5.92
C ASP A 189 0.54 -1.98 4.78
N LEU A 190 -0.67 -2.45 4.50
CA LEU A 190 -1.50 -1.78 3.52
C LEU A 190 -2.16 -0.53 4.12
N LYS A 191 -1.87 0.63 3.53
CA LYS A 191 -2.50 1.87 3.94
C LYS A 191 -2.57 2.83 2.75
N LEU A 192 -3.35 3.90 2.91
CA LEU A 192 -3.50 4.89 1.84
C LEU A 192 -2.18 5.39 1.28
N GLY A 193 -1.18 5.61 2.14
CA GLY A 193 0.14 6.02 1.70
C GLY A 193 0.89 4.98 0.87
N ASN A 194 0.49 3.71 0.99
CA ASN A 194 1.15 2.60 0.29
C ASN A 194 0.46 2.19 -0.99
N LEU A 195 -0.67 2.84 -1.26
CA LEU A 195 -1.43 2.62 -2.49
C LEU A 195 -1.24 3.79 -3.44
N PHE A 196 -0.28 3.60 -4.32
CA PHE A 196 0.19 4.64 -5.21
C PHE A 196 -0.67 4.68 -6.46
N LEU A 197 -0.80 5.87 -7.05
CA LEU A 197 -1.56 6.05 -8.27
C LEU A 197 -0.65 6.50 -9.41
N ASN A 198 -0.82 5.88 -10.57
CA ASN A 198 -0.05 6.28 -11.74
C ASN A 198 -0.77 7.38 -12.53
N GLU A 199 -0.25 7.67 -13.73
CA GLU A 199 -0.83 8.65 -14.64
C GLU A 199 -2.32 8.42 -14.89
N ASP A 200 -2.70 7.15 -15.04
CA ASP A 200 -4.08 6.77 -15.34
C ASP A 200 -4.93 6.52 -14.12
N LEU A 201 -4.43 6.93 -12.95
CA LEU A 201 -5.17 6.77 -11.69
C LEU A 201 -5.41 5.29 -11.31
N GLU A 202 -4.48 4.43 -11.73
CA GLU A 202 -4.46 3.02 -11.37
C GLU A 202 -3.68 2.83 -10.07
N VAL A 203 -4.09 1.84 -9.30
CA VAL A 203 -3.50 1.60 -8.00
C VAL A 203 -2.33 0.64 -8.13
N LYS A 204 -1.22 1.04 -7.52
CA LYS A 204 0.02 0.30 -7.50
C LYS A 204 0.43 0.14 -6.04
N ILE A 205 0.28 -1.06 -5.49
CA ILE A 205 0.64 -1.36 -4.12
C ILE A 205 2.15 -1.26 -3.99
N GLY A 206 2.62 -0.53 -2.98
CA GLY A 206 4.07 -0.36 -2.78
C GLY A 206 4.54 -0.37 -1.35
N ASP A 207 5.83 -0.07 -1.17
CA ASP A 207 6.53 -0.16 0.11
C ASP A 207 6.33 -1.53 0.78
N PHE A 208 7.25 -2.43 0.47
CA PHE A 208 7.24 -3.77 1.04
C PHE A 208 8.17 -3.87 2.25
N GLY A 209 8.15 -2.82 3.08
CA GLY A 209 9.05 -2.72 4.22
C GLY A 209 8.71 -3.66 5.35
N LEU A 210 7.47 -4.15 5.36
CA LEU A 210 7.02 -5.08 6.40
C LEU A 210 6.42 -6.34 5.77
N ALA A 211 6.57 -6.45 4.46
CA ALA A 211 6.14 -7.63 3.71
C ALA A 211 6.90 -8.87 4.16
N THR A 212 6.28 -10.03 3.98
CA THR A 212 6.92 -11.29 4.34
C THR A 212 6.39 -12.46 3.51
N LYS A 213 7.30 -13.37 3.18
CA LYS A 213 6.97 -14.61 2.49
C LYS A 213 6.51 -15.65 3.50
N VAL A 214 5.40 -16.32 3.19
CA VAL A 214 4.98 -17.50 3.96
C VAL A 214 5.70 -18.73 3.41
N GLU A 215 6.53 -19.33 4.25
CA GLU A 215 7.50 -20.34 3.79
C GLU A 215 6.95 -21.77 3.77
N TYR A 216 5.87 -22.01 4.50
CA TYR A 216 5.22 -23.31 4.53
C TYR A 216 3.75 -23.18 4.82
N ASP A 217 2.99 -24.22 4.48
CA ASP A 217 1.53 -24.26 4.67
C ASP A 217 1.12 -24.02 6.12
N GLY A 218 0.21 -23.06 6.31
CA GLY A 218 -0.39 -22.78 7.61
C GLY A 218 0.55 -22.19 8.65
N GLU A 219 1.58 -21.51 8.18
CA GLU A 219 2.53 -20.80 9.03
C GLU A 219 1.84 -19.66 9.78
N ARG A 220 2.29 -19.38 10.98
CA ARG A 220 1.78 -18.25 11.76
C ARG A 220 2.96 -17.36 12.18
N LYS A 221 3.07 -16.18 11.55
CA LYS A 221 4.18 -15.28 11.83
C LYS A 221 3.97 -14.61 13.19
N LYS A 222 4.99 -14.68 14.04
CA LYS A 222 4.87 -14.18 15.41
C LYS A 222 5.31 -12.74 15.54
N VAL A 223 6.45 -12.41 14.96
CA VAL A 223 7.01 -11.08 15.11
C VAL A 223 6.62 -10.20 13.95
N LEU A 224 6.29 -8.95 14.27
CA LEU A 224 6.18 -7.90 13.28
C LEU A 224 7.06 -6.74 13.72
N CYS A 225 8.08 -6.46 12.93
CA CYS A 225 9.09 -5.48 13.27
C CYS A 225 8.68 -4.10 12.80
N GLY A 226 7.83 -3.43 13.59
CA GLY A 226 7.32 -2.13 13.22
C GLY A 226 5.83 -2.03 13.44
N THR A 227 5.28 -0.85 13.22
CA THR A 227 3.88 -0.58 13.54
C THR A 227 3.08 -0.04 12.35
N PRO A 228 2.17 -0.86 11.80
CA PRO A 228 1.32 -0.42 10.69
C PRO A 228 0.26 0.58 11.13
N ASN A 229 -0.41 1.19 10.15
CA ASN A 229 -1.52 2.11 10.41
C ASN A 229 -2.77 1.34 10.84
N TYR A 230 -3.25 0.48 9.96
CA TYR A 230 -4.45 -0.30 10.19
C TYR A 230 -4.02 -1.72 10.54
N ILE A 231 -3.33 -1.83 11.66
CA ILE A 231 -2.75 -3.08 12.14
C ILE A 231 -3.83 -4.01 12.75
N ALA A 232 -3.78 -5.28 12.36
CA ALA A 232 -4.81 -6.27 12.70
C ALA A 232 -4.75 -6.71 14.16
N PRO A 233 -5.91 -7.16 14.72
CA PRO A 233 -5.96 -7.51 16.14
C PRO A 233 -5.18 -8.77 16.49
N GLU A 234 -5.05 -9.70 15.55
CA GLU A 234 -4.32 -10.95 15.79
C GLU A 234 -2.80 -10.77 15.81
N VAL A 235 -2.34 -9.62 15.33
CA VAL A 235 -0.93 -9.24 15.45
C VAL A 235 -0.66 -8.85 16.91
N LEU A 236 -1.55 -8.03 17.47
CA LEU A 236 -1.42 -7.54 18.84
C LEU A 236 -1.83 -8.57 19.89
N SER A 237 -2.72 -9.50 19.51
CA SER A 237 -3.10 -10.62 20.38
C SER A 237 -1.94 -11.60 20.49
N LYS A 238 -1.09 -11.61 19.47
CA LYS A 238 0.23 -12.23 19.53
C LYS A 238 0.19 -13.76 19.79
N LYS A 239 -0.70 -14.44 19.10
CA LYS A 239 -0.64 -15.91 18.99
C LYS A 239 -0.47 -16.29 17.51
N GLY A 240 0.25 -15.41 16.80
CA GLY A 240 0.50 -15.57 15.37
C GLY A 240 -0.43 -14.73 14.52
N HIS A 241 -0.10 -14.63 13.23
CA HIS A 241 -0.96 -13.97 12.24
C HIS A 241 -0.64 -14.47 10.83
N SER A 242 -1.56 -14.25 9.89
CA SER A 242 -1.32 -14.70 8.52
C SER A 242 -1.86 -13.71 7.47
N PHE A 243 -2.41 -14.24 6.39
CA PHE A 243 -2.88 -13.41 5.28
C PHE A 243 -4.02 -12.49 5.67
N GLU A 244 -4.92 -13.02 6.50
CA GLU A 244 -6.13 -12.33 6.95
C GLU A 244 -5.84 -10.97 7.59
N VAL A 245 -4.56 -10.65 7.72
CA VAL A 245 -4.12 -9.36 8.21
C VAL A 245 -4.31 -8.32 7.13
N ASP A 246 -3.88 -8.66 5.91
CA ASP A 246 -4.04 -7.80 4.77
C ASP A 246 -5.54 -7.50 4.51
N VAL A 247 -6.38 -8.52 4.66
CA VAL A 247 -7.83 -8.37 4.47
C VAL A 247 -8.34 -7.32 5.47
N TRP A 248 -8.01 -7.51 6.74
CA TRP A 248 -8.33 -6.52 7.77
C TRP A 248 -7.97 -5.11 7.31
N SER A 249 -6.70 -4.90 6.95
CA SER A 249 -6.21 -3.59 6.45
C SER A 249 -7.16 -2.99 5.42
N ILE A 250 -7.50 -3.81 4.43
CA ILE A 250 -8.41 -3.43 3.37
C ILE A 250 -9.78 -3.02 3.93
N GLY A 251 -10.26 -3.76 4.93
CA GLY A 251 -11.47 -3.38 5.67
C GLY A 251 -11.37 -1.93 6.14
N CYS A 252 -10.26 -1.59 6.77
CA CYS A 252 -10.01 -0.22 7.22
C CYS A 252 -9.82 0.77 6.08
N ILE A 253 -9.21 0.31 5.00
CA ILE A 253 -9.03 1.20 3.85
C ILE A 253 -10.41 1.57 3.33
N MET A 254 -11.22 0.54 3.10
CA MET A 254 -12.57 0.71 2.61
C MET A 254 -13.30 1.73 3.48
N TYR A 255 -13.39 1.44 4.78
CA TYR A 255 -14.04 2.34 5.72
C TYR A 255 -13.59 3.77 5.46
N THR A 256 -12.29 3.97 5.51
CA THR A 256 -11.70 5.29 5.33
C THR A 256 -12.13 5.96 4.03
N LEU A 257 -12.11 5.22 2.92
CA LEU A 257 -12.50 5.79 1.62
C LEU A 257 -13.94 6.28 1.59
N LEU A 258 -14.80 5.58 2.31
CA LEU A 258 -16.20 5.89 2.28
C LEU A 258 -16.57 6.84 3.41
N VAL A 259 -16.00 6.62 4.59
CA VAL A 259 -16.35 7.45 5.73
C VAL A 259 -15.59 8.78 5.75
N GLY A 260 -14.36 8.77 5.27
CA GLY A 260 -13.54 9.98 5.24
C GLY A 260 -12.58 10.09 6.42
N LYS A 261 -12.55 9.04 7.26
CA LYS A 261 -11.63 8.95 8.40
C LYS A 261 -11.31 7.48 8.66
N PRO A 262 -10.15 7.19 9.28
CA PRO A 262 -9.87 5.81 9.71
C PRO A 262 -10.89 5.30 10.73
N PRO A 263 -11.19 3.99 10.67
CA PRO A 263 -12.24 3.39 11.51
C PRO A 263 -11.99 3.47 13.01
N PHE A 264 -10.73 3.60 13.41
CA PHE A 264 -10.37 3.58 14.82
C PHE A 264 -9.76 4.87 15.35
N GLU A 265 -8.86 5.45 14.55
CA GLU A 265 -8.17 6.72 14.85
C GLU A 265 -8.56 7.44 16.15
N THR A 266 -7.63 7.45 17.12
CA THR A 266 -7.81 8.15 18.39
C THR A 266 -6.60 9.05 18.64
N SER A 267 -6.67 9.86 19.69
CA SER A 267 -5.55 10.69 20.11
C SER A 267 -4.29 9.83 20.31
N CYS A 268 -4.29 9.00 21.34
CA CYS A 268 -3.17 8.09 21.60
C CYS A 268 -3.07 7.02 20.51
N LEU A 269 -1.85 6.56 20.26
CA LEU A 269 -1.62 5.43 19.37
C LEU A 269 -2.00 4.16 20.10
N LYS A 270 -1.65 4.12 21.39
CA LYS A 270 -1.91 2.97 22.23
C LYS A 270 -3.41 2.89 22.54
N GLU A 271 -4.05 4.05 22.65
CA GLU A 271 -5.50 4.17 22.70
C GLU A 271 -6.15 3.45 21.55
N THR A 272 -5.73 3.82 20.34
CA THR A 272 -6.20 3.22 19.09
C THR A 272 -5.98 1.70 19.12
N TYR A 273 -4.87 1.27 19.70
CA TYR A 273 -4.51 -0.14 19.79
C TYR A 273 -5.48 -0.98 20.60
N LEU A 274 -6.02 -0.40 21.68
CA LEU A 274 -7.00 -1.08 22.53
C LEU A 274 -8.27 -1.44 21.78
N ARG A 275 -8.91 -0.44 21.20
CA ARG A 275 -10.18 -0.62 20.49
C ARG A 275 -10.05 -1.49 19.24
N ILE A 276 -8.84 -1.62 18.69
CA ILE A 276 -8.57 -2.60 17.63
C ILE A 276 -8.83 -4.02 18.14
N LYS A 277 -8.17 -4.39 19.25
CA LYS A 277 -8.29 -5.75 19.81
C LYS A 277 -9.60 -5.95 20.56
N LYS A 278 -10.30 -4.86 20.84
CA LYS A 278 -11.60 -4.89 21.49
C LYS A 278 -12.71 -4.77 20.45
N ASN A 279 -12.30 -4.56 19.19
CA ASN A 279 -13.18 -4.38 18.03
C ASN A 279 -14.27 -3.32 18.24
N GLU A 280 -13.88 -2.05 18.10
CA GLU A 280 -14.69 -0.95 18.57
C GLU A 280 -14.68 0.22 17.59
N TYR A 281 -15.68 0.23 16.72
CA TYR A 281 -15.80 1.21 15.66
C TYR A 281 -17.27 1.33 15.33
N SER A 282 -17.64 2.47 14.75
CA SER A 282 -19.01 2.69 14.31
C SER A 282 -19.04 2.96 12.81
N ILE A 283 -20.03 2.38 12.13
CA ILE A 283 -20.28 2.71 10.74
C ILE A 283 -21.43 3.72 10.66
N PRO A 284 -21.14 4.93 10.15
CA PRO A 284 -22.12 6.00 10.01
C PRO A 284 -23.40 5.58 9.32
N LYS A 285 -24.51 6.16 9.77
CA LYS A 285 -25.83 5.91 9.20
C LYS A 285 -25.79 6.08 7.67
N HIS A 286 -25.15 7.15 7.22
CA HIS A 286 -25.22 7.54 5.81
C HIS A 286 -24.50 6.60 4.85
N ILE A 287 -23.93 5.53 5.40
CA ILE A 287 -23.27 4.50 4.60
C ILE A 287 -24.23 3.37 4.24
N ASN A 288 -24.26 3.02 2.95
CA ASN A 288 -25.11 1.93 2.45
C ASN A 288 -24.79 0.59 3.07
N PRO A 289 -25.84 -0.15 3.46
CA PRO A 289 -25.72 -1.46 4.08
C PRO A 289 -24.88 -2.45 3.25
N VAL A 290 -24.97 -2.35 1.93
CA VAL A 290 -24.27 -3.26 1.03
C VAL A 290 -22.78 -3.19 1.29
N ALA A 291 -22.29 -1.95 1.35
CA ALA A 291 -20.91 -1.67 1.73
C ALA A 291 -20.62 -2.06 3.18
N ALA A 292 -21.46 -1.57 4.09
CA ALA A 292 -21.27 -1.75 5.53
C ALA A 292 -21.12 -3.22 5.92
N SER A 293 -21.92 -4.09 5.29
CA SER A 293 -21.81 -5.53 5.50
C SER A 293 -20.43 -6.01 5.13
N LEU A 294 -19.96 -5.62 3.96
CA LEU A 294 -18.64 -6.00 3.54
C LEU A 294 -17.62 -5.56 4.59
N ILE A 295 -17.69 -4.31 5.02
CA ILE A 295 -16.75 -3.79 6.02
C ILE A 295 -16.79 -4.65 7.29
N GLN A 296 -18.00 -4.92 7.78
CA GLN A 296 -18.17 -5.72 8.98
C GLN A 296 -17.57 -7.11 8.84
N LYS A 297 -17.68 -7.68 7.63
CA LYS A 297 -17.10 -8.99 7.32
C LYS A 297 -15.57 -8.97 7.35
N MET A 298 -14.98 -7.85 6.95
CA MET A 298 -13.52 -7.70 6.94
C MET A 298 -12.96 -7.27 8.30
N LEU A 299 -13.71 -6.47 9.04
CA LEU A 299 -13.28 -6.02 10.36
C LEU A 299 -13.84 -6.90 11.47
N GLN A 300 -13.54 -8.19 11.39
CA GLN A 300 -13.84 -9.12 12.46
C GLN A 300 -12.54 -9.43 13.17
N THR A 301 -12.58 -9.51 14.49
CA THR A 301 -11.37 -9.76 15.28
C THR A 301 -10.81 -11.14 14.98
N ASP A 302 -11.67 -12.16 15.05
CA ASP A 302 -11.31 -13.51 14.66
C ASP A 302 -10.94 -13.52 13.18
N PRO A 303 -9.65 -13.78 12.87
CA PRO A 303 -9.14 -13.75 11.51
C PRO A 303 -9.89 -14.70 10.59
N THR A 304 -10.15 -15.91 11.07
CA THR A 304 -10.74 -16.98 10.29
C THR A 304 -12.19 -16.73 9.87
N ALA A 305 -12.74 -15.57 10.27
CA ALA A 305 -14.10 -15.18 9.90
C ALA A 305 -14.10 -14.26 8.67
N ARG A 306 -13.04 -13.47 8.53
CA ARG A 306 -12.87 -12.58 7.38
C ARG A 306 -12.84 -13.40 6.08
N PRO A 307 -13.29 -12.80 4.96
CA PRO A 307 -13.17 -13.51 3.68
C PRO A 307 -11.71 -13.56 3.21
N THR A 308 -11.36 -14.61 2.45
CA THR A 308 -10.06 -14.65 1.80
C THR A 308 -10.03 -13.58 0.72
N ILE A 309 -8.85 -13.31 0.20
CA ILE A 309 -8.72 -12.29 -0.83
C ILE A 309 -9.44 -12.65 -2.14
N ASN A 310 -9.48 -13.96 -2.45
CA ASN A 310 -10.11 -14.45 -3.68
C ASN A 310 -11.64 -14.43 -3.61
N GLU A 311 -12.17 -14.13 -2.41
CA GLU A 311 -13.61 -14.09 -2.17
C GLU A 311 -14.23 -12.73 -2.44
N LEU A 312 -13.43 -11.67 -2.37
CA LEU A 312 -13.94 -10.31 -2.20
C LEU A 312 -14.66 -9.72 -3.41
N LEU A 313 -14.03 -9.79 -4.58
CA LEU A 313 -14.59 -9.15 -5.76
C LEU A 313 -15.97 -9.74 -6.07
N ASN A 314 -16.22 -10.89 -5.46
CA ASN A 314 -17.50 -11.58 -5.58
C ASN A 314 -18.56 -11.07 -4.63
N ASP A 315 -18.18 -10.10 -3.78
CA ASP A 315 -19.12 -9.53 -2.82
C ASP A 315 -20.13 -8.62 -3.50
N GLU A 316 -21.35 -8.67 -2.99
CA GLU A 316 -22.46 -7.83 -3.43
C GLU A 316 -22.05 -6.38 -3.73
N PHE A 317 -21.20 -5.84 -2.87
CA PHE A 317 -20.65 -4.49 -3.02
C PHE A 317 -20.09 -4.25 -4.41
N PHE A 318 -19.38 -5.24 -4.94
CA PHE A 318 -18.85 -5.15 -6.30
C PHE A 318 -19.84 -5.66 -7.33
N THR A 319 -20.27 -6.90 -7.15
CA THR A 319 -21.05 -7.61 -8.19
C THR A 319 -22.37 -6.93 -8.55
N SER A 320 -22.96 -6.23 -7.59
CA SER A 320 -24.19 -5.51 -7.88
C SER A 320 -24.02 -4.00 -7.64
N GLY A 321 -22.90 -3.47 -8.12
CA GLY A 321 -22.63 -2.04 -8.05
C GLY A 321 -21.86 -1.58 -9.27
N TYR A 322 -21.91 -0.27 -9.55
CA TYR A 322 -21.22 0.29 -10.69
C TYR A 322 -19.72 0.48 -10.46
N ILE A 323 -18.93 -0.33 -11.15
CA ILE A 323 -17.48 -0.20 -11.14
C ILE A 323 -17.03 0.50 -12.42
N PRO A 324 -16.61 1.77 -12.32
CA PRO A 324 -16.15 2.53 -13.48
C PRO A 324 -14.99 1.81 -14.17
N ALA A 325 -14.90 1.95 -15.49
CA ALA A 325 -13.81 1.36 -16.25
C ALA A 325 -12.51 2.12 -16.00
N ARG A 326 -12.61 3.45 -15.97
CA ARG A 326 -11.50 4.33 -15.61
C ARG A 326 -12.03 5.59 -14.90
N LEU A 327 -11.13 6.31 -14.24
CA LEU A 327 -11.51 7.57 -13.62
C LEU A 327 -11.00 8.78 -14.39
N PRO A 328 -11.77 9.89 -14.39
CA PRO A 328 -11.31 11.19 -14.89
C PRO A 328 -10.24 11.78 -13.97
N ILE A 329 -9.32 12.56 -14.54
CA ILE A 329 -8.29 13.20 -13.73
C ILE A 329 -8.88 14.18 -12.72
N THR A 330 -9.98 14.81 -13.11
CA THR A 330 -10.76 15.69 -12.24
C THR A 330 -11.05 15.07 -10.87
N CYS A 331 -11.03 13.74 -10.81
CA CYS A 331 -11.32 12.97 -9.59
C CYS A 331 -10.35 13.18 -8.44
N LEU A 332 -9.20 13.78 -8.74
CA LEU A 332 -8.24 14.18 -7.71
C LEU A 332 -8.74 15.39 -6.90
N THR A 333 -9.68 16.14 -7.47
CA THR A 333 -10.20 17.38 -6.86
C THR A 333 -11.73 17.40 -6.73
N ILE A 334 -12.41 17.09 -7.83
CA ILE A 334 -13.87 17.17 -7.94
C ILE A 334 -14.52 15.77 -7.99
N PRO A 335 -15.50 15.52 -7.08
CA PRO A 335 -16.25 14.27 -7.09
C PRO A 335 -16.97 14.06 -8.41
N PRO A 336 -16.70 12.92 -9.07
CA PRO A 336 -17.36 12.54 -10.32
C PRO A 336 -18.82 12.13 -10.11
N ARG A 337 -19.67 12.45 -11.06
CA ARG A 337 -21.06 12.10 -10.95
C ARG A 337 -21.42 10.92 -11.82
N PHE A 338 -20.55 10.62 -12.77
CA PHE A 338 -20.72 9.50 -13.70
C PHE A 338 -22.01 9.63 -14.49
N SER A 339 -22.07 10.68 -15.31
CA SER A 339 -23.22 10.93 -16.15
C SER A 339 -23.30 9.90 -17.26
N ILE A 340 -24.38 9.96 -18.02
CA ILE A 340 -24.54 9.01 -19.09
C ILE A 340 -24.27 9.63 -20.47
N ALA A 341 -24.27 10.96 -20.56
CA ALA A 341 -23.90 11.66 -21.80
C ALA A 341 -23.59 13.12 -21.51
N PRO A 342 -22.60 13.70 -22.25
CA PRO A 342 -22.19 15.12 -22.15
C PRO A 342 -23.23 16.14 -22.68
N SER A 343 -22.76 17.27 -23.23
CA SER A 343 -23.62 18.30 -23.86
C SER A 343 -22.94 19.03 -25.02
ZN ZN B . 11.68 -5.06 15.19
C4 79C C . 5.48 13.28 -6.90
C5 79C C . 5.44 13.55 -5.53
C6 79C C . 5.54 12.47 -4.63
C7 79C C . 5.66 11.16 -5.08
C8 79C C . 5.70 10.90 -6.45
C10 79C C . 6.17 8.41 -6.36
C13 79C C . 6.78 6.02 -5.24
C15 79C C . 6.16 3.64 -5.04
C21 79C C . 8.31 6.80 -2.66
C24 79C C . 6.40 8.07 -0.82
C26 79C C . 7.81 10.07 -0.99
C28 79C C . 6.70 7.20 -4.45
C1 79C C . 6.34 12.59 -9.59
O2 79C C . 5.64 11.71 -8.70
C3 79C C . 5.61 11.97 -7.36
N9 79C C . 5.84 9.61 -7.00
N11 79C C . 6.24 7.31 -7.12
C12 79C C . 6.53 6.12 -6.60
N14 79C C . 7.04 4.76 -4.66
C16 79C C . 7.99 4.51 -3.73
O17 79C C . 8.12 3.38 -3.27
C18 79C C . 8.96 5.57 -3.26
F19 79C C . 9.76 5.00 -2.26
F20 79C C . 9.76 5.95 -4.34
N22 79C C . 6.95 7.14 -3.07
C23 79C C . 6.58 8.38 -2.34
C25 79C C . 6.71 9.41 -0.12
C27 79C C . 7.73 9.41 -2.38
N29 79C C . 6.40 8.35 -5.05
C30 79C C . 5.32 14.95 -5.05
O31 79C C . 4.71 15.77 -5.71
N32 79C C . 5.93 15.32 -3.90
C33 79C C . 5.90 16.67 -3.34
C34 79C C . 5.77 16.54 -1.81
C35 79C C . 5.89 17.89 -1.10
N36 79C C . 7.15 18.54 -1.49
C37 79C C . 7.35 19.79 -0.74
C38 79C C . 7.25 18.77 -2.94
C39 79C C . 7.18 17.43 -3.71
#